data_3HI5
#
_entry.id   3HI5
#
_cell.length_a   84.740
_cell.length_b   84.740
_cell.length_c   317.170
_cell.angle_alpha   90.000
_cell.angle_beta   90.000
_cell.angle_gamma   120.000
#
_symmetry.space_group_name_H-M   'P 61 2 2'
#
loop_
_entity.id
_entity.type
_entity.pdbx_description
1 polymer 'Heavy chain of Fab fragment of AL-57 against alpha L I domain'
2 polymer 'light chain of Fab fragment of AL-57 against alpha L I domain'
3 water water
#
loop_
_entity_poly.entity_id
_entity_poly.type
_entity_poly.pdbx_seq_one_letter_code
_entity_poly.pdbx_strand_id
1 'polypeptide(L)'
;EVQLLESGGGLVQPGGSLRLSCAASGFTFSRYVMWWVRQAPGKGLEWVSYIWPSGGNTYYADSVKGRFTISRDNSKNTLY
LQMNSLRAEDTAVYYCASSYDFWSNAFDIWGQGTMVTVSSASTKGPSVFPLAPCSRSTSESTAALGCLVKDYFPEPVTVS
WNSGALTSGVHTFPAVLQSSGLYSLSSVVTVPSSSLGTKTYTCNVDHKPSNTKVDKRVES
;
H
2 'polypeptide(L)'
;QDIQMTQSPSSLSASVGDRVTITCRASQSIGSYLNWYQQKTGKAPKALIYAASSLQSGVPSRFSGSGSGTDFTLTISSLQ
LEDFATYYCQQSYSTPSFGQGTKVEIKRTVAAPSVFIFPPSDEQLKSGTASVVCLLNNFYPREAKVQWKVDNALQSGNSQ
ESVTEQDSKDSTYSLSSTLTLSKADYEKHKVYACEVTHQGLSSPVTKSFNRG
;
L
#
# COMPACT_ATOMS: atom_id res chain seq x y z
N VAL A 2 -5.65 -25.66 8.71
CA VAL A 2 -5.01 -25.49 7.38
C VAL A 2 -4.11 -24.25 7.36
N GLN A 3 -2.86 -24.39 6.90
CA GLN A 3 -1.91 -23.28 6.94
C GLN A 3 -0.78 -23.41 5.92
N LEU A 4 -0.61 -22.35 5.12
CA LEU A 4 0.53 -22.22 4.21
C LEU A 4 1.46 -21.15 4.77
N LEU A 5 2.64 -21.57 5.23
CA LEU A 5 3.56 -20.68 5.92
C LEU A 5 4.82 -20.52 5.07
N GLU A 6 5.11 -19.27 4.71
CA GLU A 6 6.14 -18.96 3.72
C GLU A 6 7.37 -18.29 4.30
N SER A 7 8.45 -18.41 3.54
CA SER A 7 9.74 -17.87 3.92
C SER A 7 10.58 -17.73 2.65
N GLY A 8 11.74 -17.10 2.79
CA GLY A 8 12.69 -17.01 1.68
C GLY A 8 12.75 -15.67 0.97
N GLY A 9 11.73 -14.85 1.13
CA GLY A 9 11.71 -13.54 0.49
C GLY A 9 12.77 -12.63 1.08
N GLY A 10 13.12 -11.59 0.35
CA GLY A 10 14.06 -10.59 0.84
C GLY A 10 14.57 -9.66 -0.24
N LEU A 11 15.64 -8.96 0.09
CA LEU A 11 16.27 -7.97 -0.80
C LEU A 11 17.31 -8.62 -1.70
N VAL A 12 17.29 -8.27 -2.99
CA VAL A 12 18.18 -8.86 -3.99
C VAL A 12 18.56 -7.86 -5.10
N GLN A 13 19.80 -7.96 -5.59
CA GLN A 13 20.31 -7.13 -6.68
C GLN A 13 19.74 -7.67 -8.00
N PRO A 14 19.49 -6.79 -9.00
CA PRO A 14 19.03 -7.32 -10.28
C PRO A 14 20.04 -8.33 -10.86
N GLY A 15 19.52 -9.44 -11.38
CA GLY A 15 20.37 -10.56 -11.84
C GLY A 15 20.60 -11.61 -10.77
N GLY A 16 20.34 -11.27 -9.51
CA GLY A 16 20.51 -12.18 -8.38
C GLY A 16 19.45 -13.27 -8.31
N SER A 17 19.50 -14.06 -7.24
CA SER A 17 18.60 -15.18 -7.04
C SER A 17 18.00 -15.22 -5.63
N LEU A 18 16.82 -15.82 -5.52
CA LEU A 18 16.15 -16.08 -4.26
C LEU A 18 15.45 -17.42 -4.37
N ARG A 19 15.24 -18.07 -3.23
CA ARG A 19 14.43 -19.28 -3.18
C ARG A 19 13.37 -19.12 -2.11
N LEU A 20 12.11 -19.13 -2.55
CA LEU A 20 10.98 -19.10 -1.63
C LEU A 20 10.59 -20.54 -1.21
N SER A 21 10.12 -20.66 0.04
CA SER A 21 9.58 -21.93 0.56
C SER A 21 8.17 -21.67 1.06
N CYS A 22 7.36 -22.73 1.08
CA CYS A 22 5.98 -22.67 1.55
C CYS A 22 5.65 -23.97 2.27
N ALA A 23 5.76 -23.96 3.60
CA ALA A 23 5.47 -25.12 4.44
C ALA A 23 3.96 -25.25 4.65
N ALA A 24 3.38 -26.30 4.05
CA ALA A 24 1.94 -26.59 4.17
C ALA A 24 1.66 -27.46 5.39
N SER A 25 0.48 -27.27 5.99
CA SER A 25 0.00 -28.14 7.07
C SER A 25 -1.51 -28.06 7.19
N GLY A 26 -2.11 -29.07 7.81
CA GLY A 26 -3.55 -29.12 8.04
C GLY A 26 -4.32 -29.86 6.95
N PHE A 27 -3.65 -30.22 5.87
CA PHE A 27 -4.26 -30.96 4.76
C PHE A 27 -3.19 -31.80 4.05
N THR A 28 -3.62 -32.81 3.30
CA THR A 28 -2.69 -33.67 2.56
C THR A 28 -2.17 -32.90 1.33
N PHE A 29 -1.11 -32.14 1.58
CA PHE A 29 -0.42 -31.30 0.58
C PHE A 29 -0.15 -32.04 -0.75
N SER A 30 0.29 -33.30 -0.63
CA SER A 30 0.65 -34.16 -1.79
C SER A 30 -0.45 -34.31 -2.85
N ARG A 31 -1.72 -34.10 -2.47
CA ARG A 31 -2.83 -34.29 -3.39
C ARG A 31 -3.24 -33.06 -4.23
N TYR A 32 -2.60 -31.91 -3.99
CA TYR A 32 -3.09 -30.63 -4.55
C TYR A 32 -2.17 -30.00 -5.57
N VAL A 33 -2.77 -29.37 -6.59
CA VAL A 33 -2.06 -28.45 -7.45
C VAL A 33 -1.72 -27.22 -6.60
N MET A 34 -0.42 -26.88 -6.53
CA MET A 34 0.02 -25.73 -5.75
C MET A 34 0.41 -24.58 -6.69
N TRP A 35 0.21 -23.36 -6.21
CA TRP A 35 0.40 -22.16 -7.01
C TRP A 35 1.33 -21.19 -6.33
N TRP A 36 1.96 -20.36 -7.15
CA TRP A 36 2.59 -19.12 -6.68
C TRP A 36 1.86 -17.97 -7.39
N VAL A 37 1.34 -17.03 -6.59
CA VAL A 37 0.66 -15.84 -7.07
C VAL A 37 1.38 -14.62 -6.47
N ARG A 38 1.64 -13.61 -7.30
CA ARG A 38 2.28 -12.39 -6.81
C ARG A 38 1.44 -11.13 -6.99
N GLN A 39 1.77 -10.14 -6.15
CA GLN A 39 1.08 -8.87 -6.11
C GLN A 39 2.11 -7.74 -5.91
N ALA A 40 2.31 -6.95 -6.96
CA ALA A 40 3.23 -5.80 -6.92
C ALA A 40 2.65 -4.72 -6.01
N PRO A 41 3.51 -3.97 -5.30
CA PRO A 41 2.99 -2.97 -4.33
C PRO A 41 1.95 -2.04 -4.94
N GLY A 42 0.78 -1.98 -4.31
CA GLY A 42 -0.34 -1.17 -4.79
C GLY A 42 -0.88 -1.61 -6.15
N LYS A 43 -0.87 -2.92 -6.41
CA LYS A 43 -1.36 -3.48 -7.68
C LYS A 43 -2.21 -4.74 -7.44
N GLY A 44 -2.72 -5.32 -8.53
CA GLY A 44 -3.56 -6.53 -8.46
C GLY A 44 -2.78 -7.83 -8.34
N LEU A 45 -3.48 -8.94 -8.56
CA LEU A 45 -2.93 -10.28 -8.36
C LEU A 45 -2.65 -10.95 -9.71
N GLU A 46 -1.51 -11.63 -9.83
CA GLU A 46 -1.20 -12.39 -11.05
C GLU A 46 -0.50 -13.70 -10.74
N TRP A 47 -0.92 -14.77 -11.42
CA TRP A 47 -0.30 -16.08 -11.24
C TRP A 47 1.11 -16.09 -11.84
N VAL A 48 2.00 -16.84 -11.20
CA VAL A 48 3.42 -16.90 -11.58
C VAL A 48 3.78 -18.29 -12.13
N SER A 49 3.42 -19.32 -11.36
CA SER A 49 3.73 -20.70 -11.68
C SER A 49 2.78 -21.62 -10.93
N TYR A 50 2.54 -22.81 -11.47
CA TYR A 50 1.89 -23.87 -10.71
C TYR A 50 2.48 -25.25 -11.01
N ILE A 51 2.08 -26.22 -10.19
CA ILE A 51 2.67 -27.56 -10.22
C ILE A 51 1.60 -28.62 -9.88
N TRP A 52 1.62 -29.74 -10.62
CA TRP A 52 0.70 -30.86 -10.37
C TRP A 52 1.06 -31.56 -9.05
N PRO A 53 0.09 -32.25 -8.42
CA PRO A 53 0.29 -32.87 -7.10
C PRO A 53 1.59 -33.68 -6.96
N SER A 54 1.90 -34.50 -7.97
CA SER A 54 3.12 -35.31 -7.97
C SER A 54 4.42 -34.49 -8.13
N GLY A 55 4.30 -33.28 -8.66
CA GLY A 55 5.47 -32.48 -9.03
C GLY A 55 6.00 -32.84 -10.40
N GLY A 56 5.26 -33.69 -11.12
CA GLY A 56 5.71 -34.24 -12.39
C GLY A 56 5.51 -33.33 -13.58
N ASN A 57 4.65 -32.32 -13.42
CA ASN A 57 4.42 -31.31 -14.47
C ASN A 57 4.34 -29.91 -13.86
N THR A 58 5.03 -28.97 -14.50
CA THR A 58 5.15 -27.60 -14.02
C THR A 58 4.80 -26.63 -15.16
N TYR A 59 4.17 -25.51 -14.80
CA TYR A 59 3.72 -24.51 -15.77
C TYR A 59 4.05 -23.11 -15.26
N TYR A 60 4.24 -22.17 -16.20
CA TYR A 60 4.80 -20.86 -15.87
C TYR A 60 4.16 -19.73 -16.66
N ALA A 61 3.95 -18.59 -15.99
CA ALA A 61 3.60 -17.33 -16.65
C ALA A 61 4.74 -16.92 -17.57
N ASP A 62 4.41 -16.30 -18.70
CA ASP A 62 5.40 -15.95 -19.72
C ASP A 62 6.48 -14.97 -19.24
N SER A 63 6.13 -14.11 -18.28
CA SER A 63 7.11 -13.21 -17.66
C SER A 63 8.25 -13.99 -16.98
N VAL A 64 7.87 -14.92 -16.10
CA VAL A 64 8.83 -15.67 -15.28
C VAL A 64 9.44 -16.88 -16.02
N LYS A 65 8.84 -17.26 -17.15
CA LYS A 65 9.25 -18.44 -17.89
C LYS A 65 10.74 -18.40 -18.20
N GLY A 66 11.42 -19.55 -18.00
CA GLY A 66 12.87 -19.64 -18.20
C GLY A 66 13.72 -19.27 -17.00
N ARG A 67 13.22 -18.35 -16.17
CA ARG A 67 13.99 -17.81 -15.05
C ARG A 67 13.58 -18.41 -13.69
N PHE A 68 12.31 -18.83 -13.57
CA PHE A 68 11.78 -19.38 -12.31
C PHE A 68 11.61 -20.90 -12.41
N THR A 69 11.80 -21.58 -11.28
CA THR A 69 11.59 -23.04 -11.19
C THR A 69 10.70 -23.38 -10.00
N ILE A 70 9.48 -23.84 -10.27
CA ILE A 70 8.58 -24.32 -9.22
C ILE A 70 8.90 -25.78 -8.94
N SER A 71 8.83 -26.16 -7.67
CA SER A 71 9.05 -27.55 -7.26
C SER A 71 8.41 -27.80 -5.91
N ARG A 72 8.41 -29.07 -5.49
CA ARG A 72 7.86 -29.45 -4.19
C ARG A 72 8.55 -30.70 -3.60
N ASP A 73 8.49 -30.83 -2.27
CA ASP A 73 8.90 -32.03 -1.57
C ASP A 73 7.72 -32.52 -0.73
N ASN A 74 6.97 -33.48 -1.28
CA ASN A 74 5.78 -34.02 -0.63
C ASN A 74 6.04 -34.83 0.65
N SER A 75 7.30 -35.23 0.86
CA SER A 75 7.73 -35.82 2.12
C SER A 75 7.89 -34.74 3.21
N LYS A 76 8.24 -33.53 2.78
CA LYS A 76 8.37 -32.37 3.68
C LYS A 76 7.13 -31.46 3.71
N ASN A 77 6.11 -31.77 2.91
CA ASN A 77 4.93 -30.91 2.72
C ASN A 77 5.26 -29.46 2.27
N THR A 78 6.43 -29.27 1.65
CA THR A 78 6.92 -27.94 1.30
C THR A 78 6.86 -27.71 -0.21
N LEU A 79 6.56 -26.46 -0.59
CA LEU A 79 6.56 -26.00 -1.97
C LEU A 79 7.69 -24.98 -2.14
N TYR A 80 8.36 -24.97 -3.30
CA TYR A 80 9.49 -24.06 -3.55
C TYR A 80 9.35 -23.28 -4.85
N LEU A 81 9.95 -22.09 -4.89
CA LEU A 81 10.12 -21.32 -6.14
C LEU A 81 11.55 -20.78 -6.20
N GLN A 82 12.40 -21.42 -7.01
CA GLN A 82 13.74 -20.90 -7.27
C GLN A 82 13.61 -19.75 -8.27
N MET A 83 14.07 -18.56 -7.88
CA MET A 83 13.93 -17.36 -8.69
C MET A 83 15.30 -16.89 -9.16
N ASN A 84 15.59 -17.06 -10.44
CA ASN A 84 16.87 -16.66 -11.03
C ASN A 84 16.69 -15.43 -11.92
N SER A 85 17.83 -14.81 -12.27
CA SER A 85 17.84 -13.64 -13.17
C SER A 85 16.77 -12.62 -12.77
N LEU A 86 16.69 -12.33 -11.47
CA LEU A 86 15.66 -11.46 -10.94
C LEU A 86 15.77 -10.03 -11.52
N ARG A 87 14.62 -9.47 -11.87
CA ARG A 87 14.53 -8.13 -12.42
C ARG A 87 13.79 -7.22 -11.43
N ALA A 88 13.90 -5.92 -11.63
CA ALA A 88 13.21 -4.94 -10.77
C ALA A 88 11.71 -5.23 -10.74
N GLU A 89 11.15 -5.54 -11.91
CA GLU A 89 9.71 -5.79 -12.07
C GLU A 89 9.18 -7.12 -11.44
N ASP A 90 10.07 -7.92 -10.85
CA ASP A 90 9.65 -9.08 -10.05
C ASP A 90 9.48 -8.74 -8.57
N THR A 91 9.58 -7.44 -8.24
CA THR A 91 9.33 -6.96 -6.89
C THR A 91 7.84 -7.09 -6.58
N ALA A 92 7.53 -7.82 -5.52
CA ALA A 92 6.15 -8.08 -5.13
C ALA A 92 6.06 -8.86 -3.82
N VAL A 93 4.85 -8.92 -3.26
CA VAL A 93 4.54 -9.93 -2.25
C VAL A 93 4.24 -11.22 -3.00
N TYR A 94 4.83 -12.33 -2.55
CA TYR A 94 4.66 -13.64 -3.18
C TYR A 94 3.84 -14.54 -2.27
N TYR A 95 2.68 -14.97 -2.78
CA TYR A 95 1.80 -15.88 -2.06
C TYR A 95 1.89 -17.29 -2.65
N CYS A 96 1.87 -18.29 -1.78
CA CYS A 96 1.52 -19.64 -2.23
C CYS A 96 0.02 -19.82 -1.94
N ALA A 97 -0.66 -20.53 -2.83
CA ALA A 97 -2.10 -20.71 -2.74
C ALA A 97 -2.47 -22.05 -3.34
N SER A 98 -3.66 -22.53 -3.00
CA SER A 98 -4.12 -23.84 -3.44
C SER A 98 -5.63 -23.92 -3.40
N SER A 99 -6.20 -24.84 -4.17
CA SER A 99 -7.64 -25.11 -4.11
C SER A 99 -7.88 -26.25 -3.14
N TYR A 100 -8.04 -25.91 -1.86
CA TYR A 100 -8.28 -26.90 -0.78
C TYR A 100 -9.52 -27.77 -1.00
N ASP A 101 -10.60 -27.18 -1.50
CA ASP A 101 -11.81 -27.92 -1.81
C ASP A 101 -11.61 -28.94 -2.95
N PHE A 102 -10.85 -28.54 -3.99
CA PHE A 102 -10.73 -29.23 -5.28
CA PHE A 102 -10.75 -29.26 -5.29
C PHE A 102 -11.87 -28.78 -6.22
N TRP A 103 -13.11 -29.06 -5.84
CA TRP A 103 -14.31 -28.74 -6.64
C TRP A 103 -14.62 -27.24 -6.82
N SER A 104 -14.10 -26.39 -5.91
CA SER A 104 -14.41 -24.95 -5.91
C SER A 104 -13.82 -24.17 -7.10
N ASN A 105 -12.67 -24.63 -7.60
CA ASN A 105 -11.87 -23.93 -8.62
C ASN A 105 -11.39 -22.53 -8.15
N ALA A 106 -11.36 -22.34 -6.84
CA ALA A 106 -10.94 -21.09 -6.21
C ALA A 106 -9.65 -21.33 -5.41
N PHE A 107 -8.91 -20.26 -5.13
CA PHE A 107 -7.79 -20.34 -4.18
C PHE A 107 -8.36 -20.25 -2.75
N ASP A 108 -8.62 -21.40 -2.14
CA ASP A 108 -9.23 -21.47 -0.81
C ASP A 108 -8.24 -21.07 0.26
N ILE A 109 -7.02 -21.59 0.15
CA ILE A 109 -5.96 -21.28 1.12
C ILE A 109 -4.89 -20.39 0.46
N TRP A 110 -4.40 -19.42 1.23
CA TRP A 110 -3.30 -18.54 0.83
C TRP A 110 -2.27 -18.51 1.95
N GLY A 111 -1.01 -18.31 1.59
CA GLY A 111 0.04 -18.10 2.58
C GLY A 111 -0.07 -16.70 3.17
N GLN A 112 0.73 -16.41 4.19
CA GLN A 112 0.69 -15.09 4.81
C GLN A 112 1.34 -14.04 3.90
N GLY A 113 2.15 -14.50 2.93
CA GLY A 113 2.91 -13.61 2.02
C GLY A 113 4.40 -13.61 2.33
N THR A 114 5.21 -13.26 1.33
CA THR A 114 6.65 -13.00 1.55
C THR A 114 7.14 -11.99 0.50
N MET A 115 7.76 -10.93 0.98
CA MET A 115 8.15 -9.79 0.14
C MET A 115 9.50 -10.06 -0.55
N VAL A 116 9.50 -9.91 -1.87
CA VAL A 116 10.73 -10.02 -2.66
C VAL A 116 11.02 -8.66 -3.29
N THR A 117 12.14 -8.04 -2.88
CA THR A 117 12.53 -6.72 -3.39
C THR A 117 13.79 -6.85 -4.26
N VAL A 118 13.68 -6.48 -5.54
CA VAL A 118 14.80 -6.52 -6.48
C VAL A 118 15.28 -5.09 -6.80
N SER A 119 16.38 -4.67 -6.17
CA SER A 119 16.89 -3.31 -6.28
C SER A 119 18.41 -3.28 -6.30
N SER A 120 18.98 -2.41 -7.14
CA SER A 120 20.43 -2.22 -7.18
C SER A 120 20.93 -1.26 -6.07
N ALA A 121 20.01 -0.55 -5.43
CA ALA A 121 20.35 0.29 -4.27
C ALA A 121 20.74 -0.60 -3.09
N SER A 122 21.54 -0.06 -2.16
CA SER A 122 22.02 -0.84 -1.00
C SER A 122 21.54 -0.26 0.35
N THR A 123 21.64 -1.08 1.39
CA THR A 123 21.09 -0.78 2.72
C THR A 123 21.67 0.49 3.35
N LYS A 124 20.86 1.55 3.43
CA LYS A 124 21.27 2.84 3.99
C LYS A 124 20.32 3.29 5.10
N GLY A 125 20.87 3.97 6.11
CA GLY A 125 20.08 4.49 7.24
C GLY A 125 19.51 5.87 6.97
N PRO A 126 18.43 6.25 7.69
CA PRO A 126 17.70 7.49 7.41
C PRO A 126 18.31 8.74 8.06
N SER A 127 18.39 9.83 7.29
CA SER A 127 18.64 11.15 7.87
C SER A 127 17.31 11.69 8.34
N VAL A 128 17.19 11.95 9.64
CA VAL A 128 15.95 12.49 10.22
C VAL A 128 16.06 14.00 10.39
N PHE A 129 15.17 14.74 9.72
CA PHE A 129 15.16 16.19 9.76
C PHE A 129 13.87 16.65 10.43
N PRO A 130 13.92 17.76 11.20
CA PRO A 130 12.71 18.23 11.86
C PRO A 130 11.81 19.04 10.93
N LEU A 131 10.50 18.85 11.10
CA LEU A 131 9.49 19.73 10.50
C LEU A 131 8.97 20.62 11.63
N ALA A 132 9.69 21.72 11.86
CA ALA A 132 9.45 22.57 13.03
C ALA A 132 8.06 23.23 13.03
N PRO A 133 7.41 23.29 14.21
CA PRO A 133 6.15 24.04 14.30
C PRO A 133 6.37 25.53 14.03
N CYS A 134 5.30 26.22 13.64
CA CYS A 134 5.43 27.52 12.99
C CYS A 134 4.08 28.23 12.84
N SER A 135 4.10 29.42 12.24
CA SER A 135 2.85 30.16 11.94
C SER A 135 2.20 29.68 10.63
N ARG A 136 3.00 29.12 9.71
CA ARG A 136 2.48 28.48 8.48
C ARG A 136 2.11 27.02 8.77
N SER A 137 2.30 26.61 10.02
CA SER A 137 1.99 25.28 10.51
C SER A 137 0.87 25.28 11.56
N THR A 138 0.40 26.47 11.96
CA THR A 138 -0.74 26.59 12.85
C THR A 138 -2.00 26.95 12.06
N SER A 139 -3.12 26.41 12.51
CA SER A 139 -4.45 26.81 12.05
C SER A 139 -5.38 26.55 13.20
N GLU A 140 -6.17 27.55 13.62
CA GLU A 140 -7.01 27.45 14.82
C GLU A 140 -6.10 27.36 16.07
N SER A 141 -6.50 26.61 17.10
CA SER A 141 -5.61 26.30 18.24
C SER A 141 -4.43 25.39 17.85
N THR A 142 -4.69 24.41 16.99
CA THR A 142 -3.70 23.41 16.60
C THR A 142 -2.45 23.95 15.89
N ALA A 143 -1.29 23.39 16.25
CA ALA A 143 -0.04 23.54 15.51
C ALA A 143 0.45 22.15 15.14
N ALA A 144 0.84 21.96 13.87
CA ALA A 144 1.42 20.70 13.41
C ALA A 144 2.96 20.70 13.46
N LEU A 145 3.55 19.56 13.78
CA LEU A 145 5.00 19.39 13.79
C LEU A 145 5.33 17.95 13.37
N GLY A 146 6.56 17.72 12.94
CA GLY A 146 6.92 16.39 12.46
C GLY A 146 8.39 16.13 12.23
N CYS A 147 8.64 14.99 11.59
CA CYS A 147 9.98 14.50 11.27
C CYS A 147 10.00 14.02 9.81
N LEU A 148 11.00 14.47 9.06
CA LEU A 148 11.23 13.98 7.70
C LEU A 148 12.35 12.93 7.74
N VAL A 149 11.95 11.66 7.73
CA VAL A 149 12.87 10.52 7.72
C VAL A 149 13.24 10.23 6.28
N LYS A 150 14.44 10.64 5.86
CA LYS A 150 14.80 10.70 4.43
C LYS A 150 15.96 9.78 4.01
N ASP A 151 15.89 9.32 2.75
CA ASP A 151 16.97 8.59 2.06
C ASP A 151 17.48 7.33 2.79
N TYR A 152 16.55 6.44 3.11
CA TYR A 152 16.89 5.16 3.72
C TYR A 152 16.57 4.01 2.78
N PHE A 153 17.21 2.87 3.01
CA PHE A 153 16.95 1.65 2.25
C PHE A 153 17.40 0.42 3.04
N PRO A 154 16.65 -0.70 2.95
CA PRO A 154 15.30 -0.85 2.40
C PRO A 154 14.28 -0.47 3.46
N GLU A 155 13.01 -0.73 3.15
CA GLU A 155 11.97 -0.60 4.16
C GLU A 155 12.06 -1.78 5.12
N PRO A 156 11.47 -1.64 6.34
CA PRO A 156 10.75 -0.48 6.86
C PRO A 156 11.50 0.32 7.92
N VAL A 157 11.00 1.54 8.18
CA VAL A 157 11.35 2.30 9.37
C VAL A 157 10.13 2.28 10.30
N THR A 158 10.35 2.52 11.58
CA THR A 158 9.25 2.67 12.54
C THR A 158 9.42 4.01 13.26
N VAL A 159 8.33 4.75 13.42
CA VAL A 159 8.37 6.07 14.05
C VAL A 159 7.33 6.19 15.17
N SER A 160 7.77 6.71 16.32
CA SER A 160 6.89 6.99 17.47
C SER A 160 7.31 8.29 18.16
N TRP A 161 6.42 8.85 18.98
CA TRP A 161 6.63 10.17 19.57
C TRP A 161 6.62 10.09 21.10
N ASN A 162 7.59 10.78 21.72
CA ASN A 162 7.80 10.72 23.17
C ASN A 162 7.83 9.28 23.70
N SER A 163 8.41 8.39 22.90
CA SER A 163 8.53 6.96 23.21
C SER A 163 7.19 6.24 23.42
N GLY A 164 6.18 6.64 22.65
CA GLY A 164 4.83 6.08 22.79
C GLY A 164 3.90 6.88 23.69
N ALA A 165 4.47 7.81 24.45
CA ALA A 165 3.69 8.69 25.32
C ALA A 165 2.86 9.71 24.53
N LEU A 166 3.11 9.81 23.22
CA LEU A 166 2.30 10.60 22.29
C LEU A 166 1.88 9.74 21.10
N THR A 167 0.59 9.43 21.02
CA THR A 167 -0.01 8.75 19.87
C THR A 167 -1.26 9.47 19.31
N SER A 168 -1.65 10.60 19.92
CA SER A 168 -2.89 11.32 19.58
C SER A 168 -2.61 12.47 18.61
N GLY A 169 -3.21 12.40 17.42
CA GLY A 169 -2.94 13.36 16.35
C GLY A 169 -1.80 12.93 15.44
N VAL A 170 -1.12 11.85 15.81
CA VAL A 170 0.04 11.37 15.08
C VAL A 170 -0.38 10.69 13.77
N HIS A 171 0.22 11.16 12.66
CA HIS A 171 0.07 10.57 11.34
C HIS A 171 1.44 10.23 10.76
N THR A 172 1.78 8.95 10.74
CA THR A 172 2.99 8.47 10.06
C THR A 172 2.60 7.98 8.66
N PHE A 173 3.20 8.59 7.65
CA PHE A 173 2.79 8.34 6.26
C PHE A 173 3.54 7.16 5.63
N PRO A 174 2.94 6.55 4.58
CA PRO A 174 3.66 5.57 3.75
C PRO A 174 4.93 6.16 3.13
N ALA A 175 5.96 5.32 2.99
CA ALA A 175 7.21 5.74 2.36
C ALA A 175 6.98 5.92 0.86
N VAL A 176 7.72 6.84 0.26
CA VAL A 176 7.76 6.98 -1.20
C VAL A 176 9.15 6.55 -1.67
N LEU A 177 9.19 5.67 -2.67
CA LEU A 177 10.43 5.31 -3.32
C LEU A 177 10.81 6.45 -4.26
N GLN A 178 11.91 7.12 -3.94
CA GLN A 178 12.42 8.24 -4.73
C GLN A 178 13.16 7.68 -5.94
N SER A 179 13.36 8.51 -6.97
CA SER A 179 14.06 8.08 -8.19
C SER A 179 15.49 7.60 -7.93
N SER A 180 16.03 7.96 -6.75
CA SER A 180 17.35 7.50 -6.31
C SER A 180 17.37 6.02 -5.91
N GLY A 181 16.20 5.46 -5.60
CA GLY A 181 16.09 4.09 -5.11
C GLY A 181 16.00 4.01 -3.60
N LEU A 182 16.15 5.15 -2.94
CA LEU A 182 16.05 5.27 -1.49
C LEU A 182 14.65 5.77 -1.12
N TYR A 183 14.17 5.34 0.04
CA TYR A 183 12.83 5.71 0.48
C TYR A 183 12.85 7.01 1.28
N SER A 184 11.67 7.53 1.56
CA SER A 184 11.50 8.75 2.36
C SER A 184 10.07 8.80 2.89
N LEU A 185 9.91 9.14 4.17
CA LEU A 185 8.59 9.35 4.76
C LEU A 185 8.60 10.48 5.79
N SER A 186 7.41 11.01 6.05
CA SER A 186 7.22 11.97 7.12
C SER A 186 6.30 11.37 8.19
N SER A 187 6.55 11.75 9.44
CA SER A 187 5.64 11.46 10.55
C SER A 187 5.29 12.80 11.19
N VAL A 188 4.01 13.12 11.25
CA VAL A 188 3.54 14.40 11.79
C VAL A 188 2.59 14.19 12.97
N VAL A 189 2.53 15.19 13.86
CA VAL A 189 1.57 15.19 14.95
C VAL A 189 0.97 16.60 15.07
N THR A 190 -0.35 16.68 15.27
CA THR A 190 -1.04 17.94 15.55
C THR A 190 -1.23 18.07 17.06
N VAL A 191 -0.71 19.17 17.61
CA VAL A 191 -0.73 19.44 19.04
C VAL A 191 -1.33 20.83 19.24
N PRO A 192 -1.62 21.24 20.50
CA PRO A 192 -2.13 22.60 20.68
C PRO A 192 -1.02 23.66 20.66
N SER A 193 -1.30 24.80 20.03
CA SER A 193 -0.45 25.97 20.13
C SER A 193 -0.57 26.52 21.55
N SER A 194 0.52 26.44 22.31
CA SER A 194 0.58 26.69 23.76
C SER A 194 1.38 25.58 24.43
N SER A 195 1.39 24.41 23.79
CA SER A 195 2.21 23.28 24.23
C SER A 195 3.65 23.36 23.69
N LEU A 196 3.93 24.37 22.86
CA LEU A 196 5.27 24.61 22.33
C LEU A 196 5.87 25.80 23.08
N GLY A 197 6.60 25.59 24.18
CA GLY A 197 6.87 24.28 24.79
C GLY A 197 7.79 24.42 26.00
N THR A 198 7.32 24.28 27.25
CA THR A 198 6.02 23.72 27.69
C THR A 198 6.03 22.18 27.65
N LYS A 199 6.01 21.58 26.45
CA LYS A 199 6.27 20.15 26.31
C LYS A 199 7.31 19.85 25.23
N THR A 200 8.14 18.85 25.51
CA THR A 200 9.16 18.36 24.58
C THR A 200 8.54 17.36 23.63
N TYR A 201 8.84 17.52 22.35
CA TYR A 201 8.43 16.59 21.31
C TYR A 201 9.66 16.01 20.62
N THR A 202 9.92 14.73 20.86
CA THR A 202 11.01 14.01 20.21
C THR A 202 10.43 12.83 19.46
N CYS A 203 10.71 12.74 18.16
CA CYS A 203 10.28 11.59 17.38
C CYS A 203 11.36 10.52 17.40
N ASN A 204 10.93 9.26 17.50
CA ASN A 204 11.82 8.14 17.66
C ASN A 204 11.82 7.32 16.38
N VAL A 205 12.84 7.51 15.56
CA VAL A 205 12.98 6.78 14.29
C VAL A 205 13.88 5.55 14.49
N ASP A 206 13.43 4.41 13.97
CA ASP A 206 14.16 3.15 14.06
C ASP A 206 14.09 2.43 12.71
N HIS A 207 15.26 2.23 12.11
CA HIS A 207 15.40 1.50 10.85
C HIS A 207 16.25 0.26 11.13
N LYS A 208 15.60 -0.91 11.16
CA LYS A 208 16.25 -2.17 11.60
C LYS A 208 17.15 -2.90 10.57
N PRO A 209 16.93 -2.68 9.25
CA PRO A 209 17.91 -3.19 8.28
C PRO A 209 19.32 -2.61 8.46
N SER A 210 19.40 -1.31 8.76
CA SER A 210 20.63 -0.70 9.28
C SER A 210 20.63 -0.90 10.79
N ASN A 211 21.79 -0.67 11.41
CA ASN A 211 21.86 -0.65 12.87
C ASN A 211 21.80 0.81 13.31
N THR A 212 20.67 1.47 12.98
CA THR A 212 20.53 2.92 13.15
C THR A 212 19.20 3.32 13.81
N LYS A 213 19.31 4.02 14.94
CA LYS A 213 18.17 4.60 15.67
C LYS A 213 18.46 6.07 15.94
N VAL A 214 17.50 6.93 15.62
CA VAL A 214 17.68 8.38 15.77
C VAL A 214 16.52 8.98 16.59
N ASP A 215 16.86 9.88 17.50
CA ASP A 215 15.87 10.61 18.30
C ASP A 215 16.00 12.10 18.03
N LYS A 216 15.29 12.59 17.02
CA LYS A 216 15.32 14.00 16.65
C LYS A 216 14.35 14.81 17.51
N ARG A 217 14.88 15.82 18.20
CA ARG A 217 14.06 16.77 18.95
C ARG A 217 13.66 17.92 18.04
N VAL A 218 12.39 17.92 17.64
CA VAL A 218 11.84 18.98 16.82
C VAL A 218 11.19 20.02 17.74
N GLU A 219 11.56 21.29 17.52
CA GLU A 219 11.06 22.39 18.34
C GLU A 219 10.86 23.66 17.51
N SER A 220 10.21 24.64 18.11
CA SER A 220 9.80 25.87 17.41
C SER A 220 11.00 26.73 17.01
N ASP B 2 -4.59 -14.39 -22.17
CA ASP B 2 -5.58 -14.77 -21.10
C ASP B 2 -6.91 -14.07 -21.34
N ILE B 3 -7.92 -14.47 -20.56
CA ILE B 3 -9.20 -13.77 -20.47
C ILE B 3 -8.99 -12.55 -19.59
N GLN B 4 -9.36 -11.38 -20.08
CA GLN B 4 -9.17 -10.14 -19.33
C GLN B 4 -10.42 -9.83 -18.48
N MET B 5 -10.20 -9.49 -17.21
CA MET B 5 -11.30 -9.20 -16.28
C MET B 5 -11.33 -7.71 -15.92
N THR B 6 -12.54 -7.15 -15.87
CA THR B 6 -12.76 -5.74 -15.58
C THR B 6 -13.88 -5.59 -14.55
N GLN B 7 -13.53 -5.00 -13.40
CA GLN B 7 -14.53 -4.67 -12.37
C GLN B 7 -14.91 -3.20 -12.44
N SER B 8 -16.06 -2.90 -11.85
CA SER B 8 -16.49 -1.51 -11.68
C SER B 8 -17.38 -1.39 -10.45
N PRO B 9 -17.27 -0.27 -9.72
CA PRO B 9 -16.26 0.78 -9.91
C PRO B 9 -14.88 0.36 -9.36
N SER B 10 -13.87 1.19 -9.59
CA SER B 10 -12.54 0.94 -9.02
C SER B 10 -12.52 1.24 -7.51
N SER B 11 -13.41 2.11 -7.07
CA SER B 11 -13.65 2.35 -5.64
C SER B 11 -15.07 2.85 -5.42
N LEU B 12 -15.60 2.62 -4.22
CA LEU B 12 -16.92 3.12 -3.88
C LEU B 12 -16.97 3.50 -2.41
N SER B 13 -17.81 4.49 -2.12
CA SER B 13 -18.01 4.98 -0.77
C SER B 13 -19.42 4.57 -0.32
N ALA B 14 -19.50 3.96 0.86
CA ALA B 14 -20.76 3.47 1.40
C ALA B 14 -20.75 3.61 2.92
N SER B 15 -21.93 3.54 3.52
CA SER B 15 -22.07 3.68 4.97
C SER B 15 -22.45 2.32 5.57
N VAL B 16 -22.10 2.11 6.84
CA VAL B 16 -22.47 0.86 7.53
C VAL B 16 -24.00 0.72 7.51
N GLY B 17 -24.47 -0.41 6.99
CA GLY B 17 -25.89 -0.64 6.78
C GLY B 17 -26.29 -0.62 5.31
N ASP B 18 -25.41 -0.06 4.47
CA ASP B 18 -25.71 0.09 3.03
C ASP B 18 -25.71 -1.22 2.25
N ARG B 19 -26.56 -1.27 1.22
CA ARG B 19 -26.54 -2.33 0.22
C ARG B 19 -25.66 -1.86 -0.92
N VAL B 20 -24.50 -2.49 -1.07
CA VAL B 20 -23.53 -2.16 -2.13
C VAL B 20 -23.50 -3.30 -3.16
N THR B 21 -23.04 -2.97 -4.38
CA THR B 21 -22.97 -3.97 -5.45
C THR B 21 -21.82 -3.67 -6.45
N ILE B 22 -20.83 -4.57 -6.47
CA ILE B 22 -19.71 -4.52 -7.44
C ILE B 22 -20.02 -5.42 -8.63
N THR B 23 -19.63 -5.00 -9.83
CA THR B 23 -19.75 -5.83 -11.01
C THR B 23 -18.38 -6.28 -11.54
N CYS B 24 -18.41 -7.34 -12.36
CA CYS B 24 -17.21 -7.91 -12.96
C CYS B 24 -17.55 -8.43 -14.37
N ARG B 25 -16.71 -8.08 -15.34
CA ARG B 25 -16.91 -8.48 -16.73
C ARG B 25 -15.75 -9.35 -17.22
N ALA B 26 -16.07 -10.45 -17.92
CA ALA B 26 -15.06 -11.31 -18.55
C ALA B 26 -15.00 -10.99 -20.04
N SER B 27 -13.79 -11.00 -20.60
CA SER B 27 -13.58 -10.67 -22.03
C SER B 27 -14.25 -11.67 -22.97
N GLN B 28 -14.41 -12.91 -22.48
CA GLN B 28 -15.18 -13.94 -23.18
C GLN B 28 -15.94 -14.74 -22.15
N SER B 29 -16.73 -15.71 -22.63
CA SER B 29 -17.56 -16.53 -21.74
C SER B 29 -16.74 -17.47 -20.86
N ILE B 30 -16.95 -17.32 -19.55
CA ILE B 30 -16.32 -18.16 -18.52
C ILE B 30 -17.37 -18.93 -17.72
N GLY B 31 -18.60 -18.97 -18.23
CA GLY B 31 -19.71 -19.69 -17.59
C GLY B 31 -19.97 -19.29 -16.15
N SER B 32 -19.90 -20.27 -15.25
CA SER B 32 -20.07 -20.02 -13.82
C SER B 32 -18.73 -20.04 -13.08
N TYR B 33 -17.62 -20.00 -13.85
CA TYR B 33 -16.27 -20.09 -13.29
C TYR B 33 -15.71 -18.72 -12.91
N LEU B 34 -16.28 -18.17 -11.84
CA LEU B 34 -15.89 -16.87 -11.33
C LEU B 34 -15.90 -16.89 -9.79
N ASN B 35 -14.81 -16.40 -9.21
CA ASN B 35 -14.64 -16.34 -7.77
C ASN B 35 -14.47 -14.89 -7.32
N TRP B 36 -14.86 -14.61 -6.08
CA TRP B 36 -14.63 -13.31 -5.45
C TRP B 36 -13.73 -13.46 -4.24
N TYR B 37 -12.82 -12.52 -4.08
CA TYR B 37 -11.92 -12.47 -2.92
C TYR B 37 -12.03 -11.11 -2.26
N GLN B 38 -11.73 -11.07 -0.96
CA GLN B 38 -11.55 -9.79 -0.29
C GLN B 38 -10.14 -9.71 0.26
N GLN B 39 -9.51 -8.55 0.08
CA GLN B 39 -8.19 -8.31 0.64
C GLN B 39 -8.16 -7.01 1.44
N LYS B 40 -7.67 -7.11 2.67
CA LYS B 40 -7.46 -5.96 3.54
C LYS B 40 -5.99 -5.60 3.54
N THR B 41 -5.67 -4.36 3.95
CA THR B 41 -4.32 -3.83 3.86
C THR B 41 -3.30 -4.71 4.60
N GLY B 42 -2.28 -5.14 3.87
CA GLY B 42 -1.19 -5.93 4.44
C GLY B 42 -1.53 -7.37 4.77
N LYS B 43 -2.69 -7.84 4.31
CA LYS B 43 -3.10 -9.24 4.49
C LYS B 43 -3.24 -9.92 3.12
N ALA B 44 -3.11 -11.25 3.11
CA ALA B 44 -3.37 -12.05 1.89
C ALA B 44 -4.87 -12.02 1.52
N PRO B 45 -5.22 -12.31 0.25
CA PRO B 45 -6.65 -12.40 -0.10
C PRO B 45 -7.39 -13.53 0.62
N LYS B 46 -8.70 -13.35 0.78
CA LYS B 46 -9.57 -14.32 1.42
C LYS B 46 -10.71 -14.67 0.46
N ALA B 47 -10.89 -15.96 0.19
CA ALA B 47 -11.94 -16.43 -0.73
C ALA B 47 -13.35 -16.17 -0.16
N LEU B 48 -14.21 -15.53 -0.97
CA LEU B 48 -15.61 -15.22 -0.56
C LEU B 48 -16.65 -16.08 -1.28
N ILE B 49 -16.71 -15.99 -2.61
CA ILE B 49 -17.66 -16.74 -3.43
C ILE B 49 -16.86 -17.62 -4.41
N TYR B 50 -17.35 -18.83 -4.64
CA TYR B 50 -16.85 -19.70 -5.72
C TYR B 50 -18.02 -20.11 -6.62
N ALA B 51 -17.72 -20.44 -7.87
CA ALA B 51 -18.75 -20.90 -8.81
C ALA B 51 -19.84 -19.84 -9.03
N ALA B 52 -19.44 -18.57 -9.06
CA ALA B 52 -20.36 -17.42 -9.23
C ALA B 52 -21.22 -17.08 -8.01
N SER B 53 -21.82 -18.09 -7.37
CA SER B 53 -22.89 -17.86 -6.37
C SER B 53 -22.76 -18.66 -5.05
N SER B 54 -21.67 -19.41 -4.88
CA SER B 54 -21.56 -20.31 -3.74
C SER B 54 -20.66 -19.70 -2.66
N LEU B 55 -21.25 -19.36 -1.52
CA LEU B 55 -20.52 -18.72 -0.43
C LEU B 55 -19.52 -19.67 0.24
N GLN B 56 -18.29 -19.18 0.40
CA GLN B 56 -17.19 -19.98 0.94
C GLN B 56 -17.37 -20.25 2.45
N SER B 57 -16.65 -21.26 2.93
CA SER B 57 -16.56 -21.65 4.36
C SER B 57 -17.54 -21.00 5.35
N GLY B 58 -17.18 -19.82 5.87
CA GLY B 58 -17.99 -19.11 6.87
C GLY B 58 -18.18 -17.64 6.54
N VAL B 59 -18.28 -17.35 5.25
CA VAL B 59 -18.56 -16.00 4.75
C VAL B 59 -20.00 -15.63 5.13
N PRO B 60 -20.19 -14.48 5.83
CA PRO B 60 -21.51 -14.01 6.24
C PRO B 60 -22.59 -14.07 5.16
N SER B 61 -23.81 -14.38 5.59
CA SER B 61 -24.97 -14.52 4.72
C SER B 61 -25.29 -13.29 3.86
N ARG B 62 -24.82 -12.11 4.27
CA ARG B 62 -25.03 -10.87 3.51
C ARG B 62 -24.32 -10.84 2.15
N PHE B 63 -23.26 -11.63 1.99
CA PHE B 63 -22.55 -11.75 0.71
C PHE B 63 -23.31 -12.66 -0.25
N SER B 64 -23.28 -12.31 -1.53
CA SER B 64 -24.13 -12.94 -2.55
C SER B 64 -23.58 -12.66 -3.94
N GLY B 65 -23.32 -13.72 -4.71
CA GLY B 65 -22.84 -13.59 -6.07
C GLY B 65 -23.86 -14.08 -7.07
N SER B 66 -23.81 -13.52 -8.28
CA SER B 66 -24.65 -14.00 -9.37
C SER B 66 -24.04 -13.63 -10.73
N GLY B 67 -24.62 -14.20 -11.79
CA GLY B 67 -24.11 -14.03 -13.14
C GLY B 67 -23.57 -15.34 -13.71
N SER B 68 -23.64 -15.46 -15.03
CA SER B 68 -23.05 -16.58 -15.77
C SER B 68 -22.74 -16.12 -17.19
N GLY B 69 -21.58 -16.54 -17.71
CA GLY B 69 -21.14 -16.12 -19.03
C GLY B 69 -20.06 -15.06 -18.95
N THR B 70 -20.48 -13.79 -18.99
CA THR B 70 -19.52 -12.67 -19.06
C THR B 70 -19.67 -11.61 -17.96
N ASP B 71 -20.92 -11.30 -17.57
CA ASP B 71 -21.18 -10.24 -16.59
C ASP B 71 -21.66 -10.83 -15.24
N PHE B 72 -20.98 -10.45 -14.16
CA PHE B 72 -21.23 -10.96 -12.81
C PHE B 72 -21.32 -9.81 -11.79
N THR B 73 -22.05 -10.02 -10.69
CA THR B 73 -22.13 -9.03 -9.61
C THR B 73 -21.97 -9.67 -8.23
N LEU B 74 -21.18 -9.02 -7.37
CA LEU B 74 -21.14 -9.31 -5.94
C LEU B 74 -22.02 -8.30 -5.21
N THR B 75 -22.77 -8.78 -4.21
CA THR B 75 -23.71 -7.93 -3.44
C THR B 75 -23.56 -8.18 -1.94
N ILE B 76 -23.42 -7.08 -1.19
CA ILE B 76 -23.50 -7.13 0.27
C ILE B 76 -24.84 -6.49 0.63
N SER B 77 -25.75 -7.29 1.21
CA SER B 77 -27.10 -6.81 1.51
C SER B 77 -27.10 -5.68 2.55
N SER B 78 -26.18 -5.75 3.51
CA SER B 78 -26.07 -4.72 4.54
C SER B 78 -24.63 -4.60 5.03
N LEU B 79 -23.94 -3.60 4.49
CA LEU B 79 -22.52 -3.38 4.74
C LEU B 79 -22.22 -3.24 6.24
N GLN B 80 -21.17 -3.91 6.70
CA GLN B 80 -20.68 -3.78 8.08
C GLN B 80 -19.27 -3.20 8.06
N LEU B 81 -18.79 -2.80 9.24
CA LEU B 81 -17.49 -2.12 9.34
C LEU B 81 -16.34 -3.02 8.86
N GLU B 82 -16.44 -4.32 9.12
CA GLU B 82 -15.41 -5.28 8.68
C GLU B 82 -15.42 -5.57 7.16
N ASP B 83 -16.47 -5.15 6.46
CA ASP B 83 -16.60 -5.37 5.01
C ASP B 83 -15.85 -4.34 4.16
N PHE B 84 -15.32 -3.29 4.79
CA PHE B 84 -14.55 -2.27 4.07
C PHE B 84 -13.18 -2.83 3.74
N ALA B 85 -12.96 -3.07 2.44
CA ALA B 85 -11.82 -3.83 1.94
C ALA B 85 -11.80 -3.70 0.42
N THR B 86 -10.82 -4.34 -0.22
CA THR B 86 -10.77 -4.41 -1.67
C THR B 86 -11.30 -5.79 -2.09
N TYR B 87 -12.10 -5.79 -3.15
CA TYR B 87 -12.71 -7.01 -3.66
C TYR B 87 -12.20 -7.25 -5.08
N TYR B 88 -11.70 -8.47 -5.31
CA TYR B 88 -11.24 -8.89 -6.62
C TYR B 88 -12.11 -10.03 -7.10
N CYS B 89 -12.45 -10.01 -8.39
CA CYS B 89 -13.05 -11.16 -9.05
C CYS B 89 -11.96 -11.92 -9.78
N GLN B 90 -12.25 -13.15 -10.20
CA GLN B 90 -11.25 -13.99 -10.86
C GLN B 90 -11.89 -15.14 -11.64
N GLN B 91 -11.59 -15.19 -12.93
CA GLN B 91 -12.03 -16.26 -13.80
C GLN B 91 -11.20 -17.55 -13.55
N SER B 92 -11.91 -18.66 -13.31
CA SER B 92 -11.31 -20.00 -13.17
C SER B 92 -11.77 -20.97 -14.29
N TYR B 93 -12.23 -20.40 -15.41
CA TYR B 93 -12.58 -21.18 -16.60
C TYR B 93 -11.31 -21.72 -17.26
N SER B 94 -10.39 -20.82 -17.55
CA SER B 94 -9.08 -21.15 -18.13
C SER B 94 -7.98 -20.83 -17.12
N THR B 95 -6.75 -20.64 -17.60
CA THR B 95 -5.66 -20.20 -16.74
C THR B 95 -6.10 -18.92 -15.98
N PRO B 96 -5.85 -18.88 -14.66
CA PRO B 96 -6.46 -17.82 -13.83
C PRO B 96 -6.09 -16.40 -14.23
N SER B 97 -7.09 -15.52 -14.20
CA SER B 97 -6.88 -14.09 -14.41
C SER B 97 -7.81 -13.32 -13.48
N PHE B 98 -7.29 -12.25 -12.87
CA PHE B 98 -8.02 -11.46 -11.86
C PHE B 98 -8.52 -10.13 -12.44
N GLY B 99 -9.57 -9.60 -11.81
CA GLY B 99 -9.99 -8.22 -12.06
C GLY B 99 -9.06 -7.27 -11.34
N GLN B 100 -9.11 -5.98 -11.71
CA GLN B 100 -8.14 -5.00 -11.22
C GLN B 100 -8.38 -4.57 -9.76
N GLY B 101 -9.56 -4.90 -9.22
CA GLY B 101 -9.92 -4.60 -7.84
C GLY B 101 -10.96 -3.51 -7.71
N THR B 102 -11.74 -3.58 -6.62
CA THR B 102 -12.71 -2.55 -6.26
C THR B 102 -12.57 -2.28 -4.77
N LYS B 103 -12.14 -1.07 -4.44
CA LYS B 103 -11.98 -0.65 -3.04
C LYS B 103 -13.33 -0.14 -2.48
N VAL B 104 -13.79 -0.75 -1.40
CA VAL B 104 -14.96 -0.25 -0.69
C VAL B 104 -14.51 0.57 0.52
N GLU B 105 -14.91 1.84 0.52
CA GLU B 105 -14.45 2.87 1.46
C GLU B 105 -15.61 3.36 2.36
N ILE B 106 -15.28 3.82 3.57
CA ILE B 106 -16.30 4.32 4.52
C ILE B 106 -16.74 5.74 4.13
N LYS B 107 -18.03 5.91 3.87
CA LYS B 107 -18.59 7.25 3.60
C LYS B 107 -18.80 8.03 4.90
N ARG B 108 -18.45 9.31 4.85
CA ARG B 108 -18.72 10.24 5.94
C ARG B 108 -18.92 11.62 5.31
N THR B 109 -19.10 12.66 6.13
CA THR B 109 -19.34 14.02 5.60
C THR B 109 -18.07 14.65 5.03
N VAL B 110 -18.26 15.63 4.15
CA VAL B 110 -17.13 16.37 3.59
C VAL B 110 -16.41 17.12 4.72
N ALA B 111 -15.08 17.02 4.71
CA ALA B 111 -14.22 17.69 5.67
C ALA B 111 -13.04 18.29 4.91
N ALA B 112 -13.01 19.61 4.78
CA ALA B 112 -11.92 20.29 4.07
C ALA B 112 -10.59 20.05 4.79
N PRO B 113 -9.48 20.02 4.03
CA PRO B 113 -8.19 19.78 4.70
C PRO B 113 -7.69 21.01 5.44
N SER B 114 -6.96 20.77 6.51
CA SER B 114 -6.14 21.81 7.13
C SER B 114 -4.81 21.70 6.41
N VAL B 115 -4.39 22.78 5.76
CA VAL B 115 -3.14 22.79 4.99
C VAL B 115 -2.02 23.49 5.78
N PHE B 116 -0.86 22.84 5.84
CA PHE B 116 0.34 23.38 6.51
C PHE B 116 1.54 23.25 5.58
N ILE B 117 2.45 24.22 5.63
CA ILE B 117 3.67 24.19 4.81
C ILE B 117 4.89 24.25 5.73
N PHE B 118 5.92 23.49 5.37
CA PHE B 118 7.16 23.39 6.16
C PHE B 118 8.36 23.69 5.27
N PRO B 119 9.11 24.77 5.56
CA PRO B 119 10.38 24.96 4.87
C PRO B 119 11.40 23.86 5.20
N PRO B 120 12.46 23.71 4.37
CA PRO B 120 13.50 22.75 4.69
C PRO B 120 14.27 23.21 5.91
N SER B 121 14.63 22.25 6.78
CA SER B 121 15.43 22.57 7.95
C SER B 121 16.80 23.07 7.52
N ASP B 122 17.46 23.81 8.41
CA ASP B 122 18.84 24.26 8.18
C ASP B 122 19.81 23.07 8.27
N GLU B 123 19.43 22.05 9.03
CA GLU B 123 20.18 20.80 9.12
C GLU B 123 20.26 20.11 7.75
N GLN B 124 19.15 20.13 7.00
CA GLN B 124 19.12 19.54 5.65
C GLN B 124 19.84 20.40 4.62
N LEU B 125 19.54 21.70 4.57
CA LEU B 125 20.20 22.62 3.64
C LEU B 125 21.72 22.50 3.69
N LYS B 126 22.27 22.31 4.88
CA LYS B 126 23.70 22.04 5.07
C LYS B 126 24.21 20.84 4.25
N SER B 127 23.40 19.79 4.14
CA SER B 127 23.77 18.57 3.39
C SER B 127 23.68 18.71 1.86
N GLY B 128 23.14 19.84 1.38
CA GLY B 128 23.11 20.14 -0.07
C GLY B 128 21.79 19.87 -0.77
N THR B 129 20.77 19.51 0.00
CA THR B 129 19.45 19.19 -0.56
C THR B 129 18.36 19.97 0.21
N ALA B 130 17.27 20.29 -0.47
CA ALA B 130 16.17 21.05 0.12
C ALA B 130 14.82 20.37 -0.12
N SER B 131 14.19 19.94 0.97
CA SER B 131 12.86 19.33 0.90
C SER B 131 11.82 20.23 1.58
N VAL B 132 10.81 20.64 0.81
CA VAL B 132 9.67 21.40 1.31
C VAL B 132 8.48 20.44 1.46
N VAL B 133 7.90 20.35 2.66
CA VAL B 133 6.76 19.47 2.92
C VAL B 133 5.45 20.27 3.02
N CYS B 134 4.42 19.75 2.35
CA CYS B 134 3.06 20.27 2.47
C CYS B 134 2.15 19.18 3.04
N LEU B 135 1.37 19.56 4.05
CA LEU B 135 0.57 18.62 4.83
C LEU B 135 -0.90 19.01 4.75
N LEU B 136 -1.71 18.12 4.18
CA LEU B 136 -3.17 18.24 4.17
C LEU B 136 -3.70 17.31 5.23
N ASN B 137 -4.35 17.85 6.26
CA ASN B 137 -4.69 17.07 7.44
C ASN B 137 -6.19 16.83 7.56
N ASN B 138 -6.53 15.56 7.78
CA ASN B 138 -7.88 15.13 8.17
C ASN B 138 -9.00 15.68 7.29
N PHE B 139 -9.06 15.18 6.05
CA PHE B 139 -10.04 15.62 5.04
C PHE B 139 -10.86 14.45 4.46
N TYR B 140 -11.94 14.81 3.78
CA TYR B 140 -12.79 13.82 3.11
C TYR B 140 -13.65 14.52 2.05
N PRO B 141 -13.79 13.94 0.84
CA PRO B 141 -13.29 12.65 0.33
C PRO B 141 -11.78 12.61 0.11
N ARG B 142 -11.27 11.43 -0.22
CA ARG B 142 -9.84 11.24 -0.51
C ARG B 142 -9.31 12.08 -1.68
N GLU B 143 -10.19 12.43 -2.61
CA GLU B 143 -9.79 13.16 -3.82
C GLU B 143 -9.38 14.60 -3.46
N ALA B 144 -8.10 14.88 -3.69
CA ALA B 144 -7.52 16.19 -3.50
C ALA B 144 -6.39 16.36 -4.50
N LYS B 145 -6.17 17.59 -4.97
CA LYS B 145 -5.06 17.92 -5.86
C LYS B 145 -4.13 18.86 -5.12
N VAL B 146 -2.84 18.49 -5.07
CA VAL B 146 -1.83 19.28 -4.36
C VAL B 146 -0.69 19.65 -5.31
N GLN B 147 -0.77 20.87 -5.87
CA GLN B 147 0.23 21.39 -6.81
C GLN B 147 1.24 22.30 -6.12
N TRP B 148 2.51 22.17 -6.50
CA TRP B 148 3.56 23.07 -6.03
C TRP B 148 3.87 24.15 -7.07
N LYS B 149 4.38 25.28 -6.59
CA LYS B 149 4.70 26.44 -7.44
C LYS B 149 5.86 27.20 -6.81
N VAL B 150 6.94 27.40 -7.58
CA VAL B 150 8.09 28.15 -7.12
C VAL B 150 8.22 29.39 -7.99
N ASP B 151 8.21 30.56 -7.35
CA ASP B 151 8.08 31.88 -8.00
C ASP B 151 6.85 31.93 -8.93
N ASN B 152 5.75 31.35 -8.45
CA ASN B 152 4.48 31.20 -9.19
C ASN B 152 4.52 30.24 -10.41
N ALA B 153 5.66 29.60 -10.67
CA ALA B 153 5.81 28.63 -11.76
C ALA B 153 5.44 27.20 -11.33
N LEU B 154 4.37 26.67 -11.93
CA LEU B 154 3.91 25.31 -11.61
C LEU B 154 5.02 24.27 -11.85
N GLN B 155 5.18 23.38 -10.86
CA GLN B 155 6.24 22.38 -10.80
C GLN B 155 5.73 21.06 -11.35
N SER B 156 6.64 20.27 -11.94
CA SER B 156 6.30 18.93 -12.41
C SER B 156 7.47 17.96 -12.23
N GLY B 157 7.14 16.79 -11.68
CA GLY B 157 8.10 15.69 -11.56
C GLY B 157 9.08 15.74 -10.39
N ASN B 158 9.03 16.81 -9.59
CA ASN B 158 9.96 16.95 -8.44
C ASN B 158 9.27 16.88 -7.06
N SER B 159 8.03 16.39 -7.03
CA SER B 159 7.31 16.19 -5.78
C SER B 159 6.68 14.79 -5.73
N GLN B 160 6.52 14.27 -4.52
CA GLN B 160 5.87 12.97 -4.29
C GLN B 160 4.87 13.05 -3.15
N GLU B 161 3.67 12.51 -3.38
CA GLU B 161 2.58 12.46 -2.40
C GLU B 161 2.51 11.10 -1.72
N SER B 162 1.80 11.07 -0.61
CA SER B 162 1.53 9.85 0.14
C SER B 162 0.27 10.09 0.96
N VAL B 163 -0.69 9.17 0.87
CA VAL B 163 -1.94 9.29 1.64
C VAL B 163 -1.99 8.18 2.68
N THR B 164 -2.52 8.50 3.86
CA THR B 164 -2.77 7.49 4.89
C THR B 164 -4.07 6.73 4.57
N GLU B 165 -4.31 5.64 5.29
CA GLU B 165 -5.60 4.96 5.23
C GLU B 165 -6.60 5.76 6.06
N GLN B 166 -7.89 5.47 5.89
CA GLN B 166 -8.94 6.16 6.65
C GLN B 166 -8.73 6.03 8.16
N ASP B 167 -8.85 7.16 8.87
CA ASP B 167 -8.46 7.23 10.29
C ASP B 167 -9.15 6.17 11.16
N SER B 168 -10.30 5.65 10.70
CA SER B 168 -11.00 4.54 11.39
C SER B 168 -11.67 5.04 12.67
N LYS B 169 -10.94 5.85 13.44
CA LYS B 169 -11.54 6.77 14.40
C LYS B 169 -12.50 7.73 13.66
N ASP B 170 -11.97 8.78 13.03
CA ASP B 170 -12.82 9.78 12.34
C ASP B 170 -12.89 9.63 10.80
N SER B 171 -12.50 8.47 10.27
CA SER B 171 -12.71 8.11 8.85
C SER B 171 -12.22 9.13 7.79
N THR B 172 -11.27 9.98 8.19
CA THR B 172 -10.68 10.97 7.28
C THR B 172 -9.33 10.48 6.74
N TYR B 173 -8.80 11.23 5.78
CA TYR B 173 -7.48 11.00 5.23
C TYR B 173 -6.53 12.13 5.58
N SER B 174 -5.23 11.85 5.54
CA SER B 174 -4.23 12.90 5.57
C SER B 174 -3.25 12.66 4.42
N LEU B 175 -2.65 13.75 3.93
CA LEU B 175 -1.76 13.68 2.76
C LEU B 175 -0.48 14.50 2.99
N SER B 176 0.65 13.88 2.69
CA SER B 176 1.95 14.54 2.76
C SER B 176 2.55 14.58 1.36
N SER B 177 2.70 15.79 0.82
CA SER B 177 3.47 16.04 -0.41
C SER B 177 4.83 16.64 -0.04
N THR B 178 5.89 16.12 -0.65
CA THR B 178 7.24 16.63 -0.44
C THR B 178 7.84 17.08 -1.77
N LEU B 179 8.22 18.35 -1.85
CA LEU B 179 8.95 18.91 -3.01
C LEU B 179 10.46 18.85 -2.74
N THR B 180 11.21 18.13 -3.58
CA THR B 180 12.67 18.07 -3.43
C THR B 180 13.40 18.86 -4.53
N LEU B 181 14.33 19.71 -4.06
CA LEU B 181 15.25 20.44 -4.92
C LEU B 181 16.65 20.28 -4.33
N SER B 182 17.64 20.71 -5.10
CA SER B 182 18.99 20.88 -4.57
C SER B 182 19.01 22.17 -3.77
N LYS B 183 20.13 22.44 -3.13
CA LYS B 183 20.35 23.76 -2.51
C LYS B 183 20.43 24.87 -3.60
N ALA B 184 20.69 24.48 -4.86
CA ALA B 184 20.77 25.41 -6.00
C ALA B 184 19.42 26.04 -6.40
N ASP B 185 18.55 25.38 -7.21
CA ASP B 185 17.25 26.01 -7.61
C ASP B 185 16.55 26.47 -6.28
N TYR B 186 16.92 25.88 -5.13
CA TYR B 186 16.33 26.34 -3.83
C TYR B 186 16.75 27.74 -3.40
N GLU B 187 18.06 27.97 -3.28
CA GLU B 187 18.58 29.29 -2.90
C GLU B 187 18.33 30.39 -3.96
N LYS B 188 18.03 29.99 -5.19
CA LYS B 188 17.86 30.93 -6.28
C LYS B 188 16.43 31.40 -6.45
N HIS B 189 15.47 30.64 -5.93
CA HIS B 189 14.06 31.03 -6.02
C HIS B 189 13.54 31.60 -4.69
N LYS B 190 12.37 32.22 -4.71
CA LYS B 190 11.91 33.04 -3.58
C LYS B 190 10.61 32.55 -2.93
N VAL B 191 9.52 32.51 -3.70
CA VAL B 191 8.19 32.19 -3.15
C VAL B 191 7.82 30.73 -3.38
N TYR B 192 7.62 29.99 -2.29
CA TYR B 192 7.31 28.56 -2.35
C TYR B 192 5.88 28.29 -1.89
N ALA B 193 5.01 27.95 -2.84
CA ALA B 193 3.58 27.78 -2.57
C ALA B 193 3.10 26.34 -2.73
N CYS B 194 2.16 25.95 -1.87
CA CYS B 194 1.45 24.69 -1.94
C CYS B 194 -0.02 25.04 -2.23
N GLU B 195 -0.52 24.65 -3.40
CA GLU B 195 -1.89 24.98 -3.81
C GLU B 195 -2.79 23.75 -3.78
N VAL B 196 -3.81 23.80 -2.91
CA VAL B 196 -4.62 22.64 -2.59
C VAL B 196 -6.06 22.80 -3.08
N THR B 197 -6.50 21.85 -3.91
CA THR B 197 -7.89 21.78 -4.39
C THR B 197 -8.60 20.60 -3.73
N HIS B 198 -9.80 20.86 -3.21
CA HIS B 198 -10.62 19.85 -2.55
C HIS B 198 -12.07 20.34 -2.52
N GLN B 199 -13.03 19.43 -2.42
CA GLN B 199 -14.45 19.83 -2.47
C GLN B 199 -14.98 20.42 -1.15
N GLY B 200 -14.16 20.39 -0.10
CA GLY B 200 -14.48 21.03 1.18
C GLY B 200 -14.14 22.51 1.16
N LEU B 201 -13.31 22.89 0.18
CA LEU B 201 -12.92 24.28 -0.04
C LEU B 201 -13.66 24.82 -1.26
N SER B 202 -14.23 26.02 -1.18
CA SER B 202 -14.94 26.62 -2.32
C SER B 202 -13.98 27.20 -3.38
N SER B 203 -12.70 27.30 -3.03
CA SER B 203 -11.65 27.64 -3.99
C SER B 203 -10.27 27.20 -3.48
N PRO B 204 -9.32 26.95 -4.40
CA PRO B 204 -7.96 26.54 -4.03
C PRO B 204 -7.33 27.36 -2.88
N VAL B 205 -6.91 26.65 -1.84
CA VAL B 205 -6.15 27.22 -0.74
C VAL B 205 -4.66 27.18 -1.11
N THR B 206 -3.96 28.30 -0.88
CA THR B 206 -2.52 28.35 -1.09
C THR B 206 -1.82 28.69 0.23
N LYS B 207 -0.93 27.79 0.64
CA LYS B 207 -0.03 28.02 1.76
C LYS B 207 1.32 28.29 1.13
N SER B 208 1.98 29.38 1.53
CA SER B 208 3.32 29.67 1.04
C SER B 208 4.21 30.29 2.09
N PHE B 209 5.50 30.35 1.77
CA PHE B 209 6.50 31.11 2.53
C PHE B 209 7.50 31.71 1.54
N ASN B 210 8.06 32.86 1.91
CA ASN B 210 9.18 33.43 1.17
C ASN B 210 10.46 32.99 1.86
N ARG B 211 11.42 32.50 1.08
CA ARG B 211 12.67 32.01 1.65
C ARG B 211 13.47 33.17 2.25
N GLY B 212 13.79 33.06 3.54
CA GLY B 212 14.47 34.13 4.28
C GLY B 212 13.52 35.24 4.71
#